data_5V79
#
_entry.id   5V79
#
_cell.length_a   95.364
_cell.length_b   85.621
_cell.length_c   83.865
_cell.angle_alpha   90.00
_cell.angle_beta   109.67
_cell.angle_gamma   90.00
#
_symmetry.space_group_name_H-M   'C 1 2 1'
#
loop_
_entity.id
_entity.type
_entity.pdbx_description
1 polymer 'Dihydropteroate synthase'
2 non-polymer 2-[(2-amino-9-methyl-6-oxo-6,9-dihydro-1H-purin-8-yl)sulfanyl]-N-phenylacetamide
3 non-polymer 'NITRATE ION'
4 water water
#
_entity_poly.entity_id   1
_entity_poly.type   'polypeptide(L)'
_entity_poly.pdbx_seq_one_letter_code
;GSMKLFAQGTSLDLSHPHVMGILNVTPDSFSDGGTHNSLIDAVKHANLMINAGATIIDVGGESTRPGAAEVSVEEELQRV
IPVVEAIAQRFEVWISVDTSKPEVIRESAKVGAHIINDIRSLSEPGALEAAAETGLPVCLMHMQGNPKTMQEAPKYDDVF
AEVNRYFIEQIARCEQAGIAKEKLLLDPGFGFGKNLSHNYSLLARLAEFHHFNLPLLVGMSRKSMIGQLLNVGPSERLSG
SLACAVIAAMQGAHIIRVHDVKETVEAMRVVEATLSAKENKRYE
;
_entity_poly.pdbx_strand_id   A,B
#
loop_
_chem_comp.id
_chem_comp.type
_chem_comp.name
_chem_comp.formula
8Y4 non-polymer 2-[(2-amino-9-methyl-6-oxo-6,9-dihydro-1H-purin-8-yl)sulfanyl]-N-phenylacetamide 'C14 H14 N6 O2 S'
NO3 non-polymer 'NITRATE ION' 'N O3 -1'
#
# COMPACT_ATOMS: atom_id res chain seq x y z
N MET A 3 -20.20 10.52 -7.18
CA MET A 3 -20.58 9.19 -7.81
C MET A 3 -21.28 8.24 -6.80
N LYS A 4 -22.47 7.75 -7.18
CA LYS A 4 -23.35 6.98 -6.30
C LYS A 4 -23.90 5.73 -7.00
N LEU A 5 -24.28 4.73 -6.21
CA LEU A 5 -25.08 3.61 -6.73
C LEU A 5 -26.37 3.52 -5.93
N PHE A 6 -27.41 3.00 -6.57
CA PHE A 6 -28.76 2.95 -6.02
C PHE A 6 -29.33 1.54 -6.10
N ALA A 7 -29.81 1.02 -4.98
CA ALA A 7 -30.39 -0.32 -4.93
C ALA A 7 -31.19 -0.48 -3.67
N GLN A 8 -32.27 -1.27 -3.73
CA GLN A 8 -33.11 -1.61 -2.57
C GLN A 8 -33.55 -0.38 -1.72
N GLY A 9 -33.80 0.74 -2.40
CA GLY A 9 -34.19 1.98 -1.75
C GLY A 9 -33.12 2.79 -1.04
N THR A 10 -31.88 2.28 -0.96
CA THR A 10 -30.78 2.97 -0.31
C THR A 10 -29.74 3.35 -1.37
N SER A 11 -28.66 3.99 -0.95
CA SER A 11 -27.57 4.31 -1.88
C SER A 11 -26.20 4.06 -1.24
N LEU A 12 -25.19 3.99 -2.11
CA LEU A 12 -23.81 3.81 -1.72
C LEU A 12 -23.03 5.01 -2.26
N ASP A 13 -22.40 5.77 -1.38
CA ASP A 13 -21.69 6.97 -1.76
C ASP A 13 -20.22 6.63 -2.06
N LEU A 14 -19.84 6.62 -3.34
CA LEU A 14 -18.48 6.26 -3.77
C LEU A 14 -17.49 7.44 -3.86
N SER A 15 -17.55 8.35 -2.89
CA SER A 15 -16.63 9.50 -2.82
C SER A 15 -15.32 9.12 -2.13
N HIS A 16 -15.36 8.00 -1.40
CA HIS A 16 -14.20 7.41 -0.75
C HIS A 16 -14.15 5.90 -1.07
N PRO A 17 -12.96 5.27 -0.94
CA PRO A 17 -12.89 3.82 -1.19
C PRO A 17 -13.73 2.98 -0.20
N HIS A 18 -14.38 1.96 -0.72
CA HIS A 18 -15.17 1.06 0.08
C HIS A 18 -14.46 -0.28 0.11
N VAL A 19 -14.48 -0.90 1.28
CA VAL A 19 -13.96 -2.25 1.45
C VAL A 19 -15.12 -3.29 1.35
N MET A 20 -14.99 -4.24 0.42
CA MET A 20 -15.95 -5.34 0.21
C MET A 20 -15.37 -6.61 0.81
N GLY A 21 -15.98 -7.10 1.88
CA GLY A 21 -15.52 -8.31 2.55
C GLY A 21 -16.01 -9.54 1.85
N ILE A 22 -15.15 -10.56 1.78
CA ILE A 22 -15.45 -11.84 1.12
C ILE A 22 -16.11 -12.80 2.10
N LEU A 23 -17.30 -13.29 1.73
CA LEU A 23 -18.02 -14.30 2.51
C LEU A 23 -18.24 -15.55 1.64
N ASN A 24 -17.35 -16.52 1.78
CA ASN A 24 -17.44 -17.79 1.05
C ASN A 24 -18.43 -18.69 1.79
N VAL A 25 -19.38 -19.27 1.07
CA VAL A 25 -20.37 -20.18 1.67
C VAL A 25 -20.24 -21.62 1.14
N THR A 26 -19.14 -22.28 1.51
CA THR A 26 -18.86 -23.68 1.10
C THR A 26 -18.47 -24.54 2.32
N ASN A 37 -23.74 -25.12 12.13
CA ASN A 37 -24.56 -24.73 10.98
C ASN A 37 -23.84 -23.66 10.14
N SER A 38 -23.80 -23.90 8.83
CA SER A 38 -23.22 -22.97 7.85
C SER A 38 -23.82 -21.56 7.90
N LEU A 39 -25.13 -21.47 8.13
CA LEU A 39 -25.84 -20.20 8.13
C LEU A 39 -25.47 -19.35 9.33
N ILE A 40 -25.45 -19.95 10.51
CA ILE A 40 -25.04 -19.30 11.79
C ILE A 40 -23.67 -18.62 11.62
N ASP A 41 -22.72 -19.40 11.08
CA ASP A 41 -21.34 -18.99 10.94
C ASP A 41 -21.16 -17.84 9.92
N ALA A 42 -21.77 -17.99 8.74
CA ALA A 42 -21.75 -16.95 7.72
C ALA A 42 -22.22 -15.60 8.27
N VAL A 43 -23.34 -15.62 8.97
CA VAL A 43 -23.88 -14.41 9.61
C VAL A 43 -22.88 -13.82 10.63
N LYS A 44 -22.25 -14.68 11.42
CA LYS A 44 -21.24 -14.24 12.39
C LYS A 44 -20.06 -13.57 11.66
N HIS A 45 -19.59 -14.22 10.60
CA HIS A 45 -18.48 -13.70 9.80
C HIS A 45 -18.86 -12.34 9.17
N ALA A 46 -20.08 -12.25 8.65
CA ALA A 46 -20.59 -10.99 8.11
C ALA A 46 -20.57 -9.87 9.14
N ASN A 47 -20.98 -10.21 10.36
CA ASN A 47 -21.05 -9.26 11.47
C ASN A 47 -19.67 -8.71 11.83
N LEU A 48 -18.68 -9.61 11.94
CA LEU A 48 -17.29 -9.20 12.20
C LEU A 48 -16.78 -8.28 11.10
N MET A 49 -17.02 -8.64 9.83
CA MET A 49 -16.55 -7.81 8.71
C MET A 49 -17.17 -6.44 8.73
N ILE A 50 -18.45 -6.38 9.08
CA ILE A 50 -19.14 -5.09 9.26
C ILE A 50 -18.54 -4.28 10.41
N ASN A 51 -18.26 -4.93 11.54
CA ASN A 51 -17.62 -4.25 12.69
C ASN A 51 -16.23 -3.72 12.34
N ALA A 52 -15.51 -4.46 11.50
CA ALA A 52 -14.20 -4.06 10.97
C ALA A 52 -14.24 -2.95 9.90
N GLY A 53 -15.43 -2.56 9.46
CA GLY A 53 -15.59 -1.44 8.52
C GLY A 53 -16.03 -1.79 7.11
N ALA A 54 -16.37 -3.06 6.83
CA ALA A 54 -16.79 -3.43 5.47
C ALA A 54 -18.13 -2.81 5.25
N THR A 55 -18.29 -2.11 4.13
CA THR A 55 -19.59 -1.54 3.77
C THR A 55 -20.33 -2.38 2.73
N ILE A 56 -19.66 -3.41 2.20
CA ILE A 56 -20.27 -4.36 1.29
C ILE A 56 -19.79 -5.77 1.70
N ILE A 57 -20.69 -6.75 1.64
CA ILE A 57 -20.36 -8.17 1.79
C ILE A 57 -20.61 -8.88 0.47
N ASP A 58 -19.57 -9.56 -0.05
CA ASP A 58 -19.64 -10.34 -1.30
C ASP A 58 -19.92 -11.82 -1.00
N VAL A 59 -21.15 -12.26 -1.26
CA VAL A 59 -21.56 -13.65 -0.96
C VAL A 59 -21.50 -14.57 -2.17
N GLY A 60 -20.74 -15.65 -2.05
CA GLY A 60 -20.46 -16.52 -3.19
C GLY A 60 -20.49 -17.99 -2.82
N GLY A 61 -21.24 -18.78 -3.60
CA GLY A 61 -21.38 -20.22 -3.37
C GLY A 61 -20.70 -21.15 -4.35
N GLU A 62 -20.02 -20.60 -5.35
CA GLU A 62 -19.24 -21.34 -6.35
C GLU A 62 -17.79 -20.83 -6.42
N SER A 63 -16.84 -21.77 -6.28
CA SER A 63 -15.39 -21.47 -6.32
C SER A 63 -14.92 -21.24 -7.76
N THR A 64 -13.90 -20.39 -7.93
CA THR A 64 -13.38 -20.04 -9.27
C THR A 64 -11.96 -20.56 -9.57
N ARG A 65 -11.43 -21.46 -8.74
CA ARG A 65 -10.18 -22.18 -9.06
C ARG A 65 -10.47 -23.28 -10.11
N PRO A 66 -9.42 -23.75 -10.84
CA PRO A 66 -9.69 -24.59 -12.02
C PRO A 66 -10.37 -25.93 -11.75
N GLY A 67 -9.96 -26.63 -10.70
CA GLY A 67 -10.56 -27.90 -10.31
C GLY A 67 -11.92 -27.80 -9.63
N ALA A 68 -12.41 -26.58 -9.35
CA ALA A 68 -13.67 -26.37 -8.61
C ALA A 68 -14.85 -27.10 -9.26
N ALA A 69 -15.77 -27.57 -8.40
CA ALA A 69 -16.98 -28.24 -8.88
C ALA A 69 -17.89 -27.23 -9.55
N GLU A 70 -18.48 -27.61 -10.68
CA GLU A 70 -19.63 -26.89 -11.22
C GLU A 70 -20.74 -27.14 -10.20
N VAL A 71 -21.18 -26.07 -9.56
CA VAL A 71 -22.22 -26.16 -8.54
C VAL A 71 -23.57 -26.02 -9.26
N SER A 72 -24.49 -26.92 -8.95
CA SER A 72 -25.82 -26.92 -9.54
C SER A 72 -26.60 -25.69 -9.11
N VAL A 73 -27.63 -25.33 -9.88
CA VAL A 73 -28.51 -24.21 -9.54
C VAL A 73 -29.10 -24.41 -8.14
N GLU A 74 -29.64 -25.60 -7.88
CA GLU A 74 -30.25 -25.92 -6.56
C GLU A 74 -29.25 -25.86 -5.37
N GLU A 75 -28.02 -26.35 -5.56
CA GLU A 75 -26.98 -26.25 -4.52
C GLU A 75 -26.60 -24.77 -4.29
N GLU A 76 -26.42 -23.99 -5.35
CA GLU A 76 -26.03 -22.58 -5.21
C GLU A 76 -27.14 -21.77 -4.55
N LEU A 77 -28.39 -22.02 -4.93
CA LEU A 77 -29.53 -21.38 -4.30
C LEU A 77 -29.61 -21.69 -2.78
N GLN A 78 -29.32 -22.93 -2.40
CA GLN A 78 -29.47 -23.37 -1.00
C GLN A 78 -28.44 -22.71 -0.09
N ARG A 79 -27.19 -22.62 -0.55
CA ARG A 79 -26.11 -21.93 0.14
C ARG A 79 -26.13 -20.39 0.21
N VAL A 80 -26.56 -19.75 -0.87
CA VAL A 80 -26.44 -18.29 -1.07
C VAL A 80 -27.66 -17.51 -0.56
N ILE A 81 -28.86 -17.95 -0.97
CA ILE A 81 -30.08 -17.16 -0.74
C ILE A 81 -30.38 -16.90 0.76
N PRO A 82 -30.33 -17.95 1.61
CA PRO A 82 -30.54 -17.75 3.05
C PRO A 82 -29.51 -16.80 3.71
N VAL A 83 -28.25 -16.86 3.25
CA VAL A 83 -27.22 -15.96 3.73
C VAL A 83 -27.51 -14.52 3.32
N VAL A 84 -27.82 -14.29 2.06
CA VAL A 84 -28.18 -12.95 1.59
C VAL A 84 -29.39 -12.39 2.37
N GLU A 85 -30.40 -13.23 2.57
CA GLU A 85 -31.62 -12.84 3.26
C GLU A 85 -31.30 -12.46 4.68
N ALA A 86 -30.65 -13.38 5.38
CA ALA A 86 -30.30 -13.18 6.77
C ALA A 86 -29.44 -11.93 7.02
N ILE A 87 -28.64 -11.52 6.04
CA ILE A 87 -27.86 -10.28 6.15
C ILE A 87 -28.72 -9.04 5.94
N ALA A 88 -29.52 -9.02 4.88
CA ALA A 88 -30.41 -7.89 4.61
C ALA A 88 -31.42 -7.62 5.75
N GLN A 89 -31.79 -8.67 6.49
CA GLN A 89 -32.72 -8.51 7.64
C GLN A 89 -32.02 -7.96 8.87
N ARG A 90 -30.86 -8.53 9.22
CA ARG A 90 -30.09 -8.07 10.37
C ARG A 90 -29.44 -6.69 10.20
N PHE A 91 -28.76 -6.46 9.06
CA PHE A 91 -27.82 -5.33 8.93
C PHE A 91 -28.14 -4.34 7.81
N GLU A 92 -27.57 -3.14 7.93
CA GLU A 92 -27.71 -2.09 6.91
C GLU A 92 -26.74 -2.26 5.73
N VAL A 93 -25.73 -3.11 5.91
CA VAL A 93 -24.67 -3.33 4.91
C VAL A 93 -25.17 -3.72 3.50
N TRP A 94 -24.47 -3.21 2.48
CA TRP A 94 -24.78 -3.60 1.11
C TRP A 94 -24.28 -5.03 0.87
N ILE A 95 -24.94 -5.70 -0.07
CA ILE A 95 -24.77 -7.12 -0.32
C ILE A 95 -24.52 -7.29 -1.80
N SER A 96 -23.39 -7.92 -2.09
CA SER A 96 -22.96 -8.26 -3.44
C SER A 96 -23.13 -9.78 -3.59
N VAL A 97 -23.71 -10.22 -4.70
CA VAL A 97 -23.88 -11.64 -4.93
C VAL A 97 -23.02 -12.08 -6.10
N ASP A 98 -22.17 -13.06 -5.81
CA ASP A 98 -21.15 -13.52 -6.69
C ASP A 98 -21.71 -14.78 -7.39
N THR A 99 -22.40 -14.57 -8.50
CA THR A 99 -23.06 -15.64 -9.22
C THR A 99 -23.16 -15.37 -10.72
N SER A 100 -23.29 -16.43 -11.49
CA SER A 100 -23.48 -16.32 -12.92
C SER A 100 -24.85 -16.83 -13.40
N LYS A 101 -25.68 -17.29 -12.46
CA LYS A 101 -26.91 -18.02 -12.78
C LYS A 101 -28.11 -17.07 -12.65
N PRO A 102 -28.95 -16.98 -13.70
CA PRO A 102 -30.11 -16.10 -13.66
C PRO A 102 -31.03 -16.32 -12.45
N GLU A 103 -31.25 -17.57 -12.08
CA GLU A 103 -32.13 -17.91 -10.96
C GLU A 103 -31.63 -17.33 -9.67
N VAL A 104 -30.32 -17.41 -9.47
CA VAL A 104 -29.68 -16.88 -8.26
C VAL A 104 -29.70 -15.35 -8.30
N ILE A 105 -29.43 -14.78 -9.47
CA ILE A 105 -29.58 -13.32 -9.65
C ILE A 105 -30.97 -12.87 -9.24
N ARG A 106 -32.00 -13.51 -9.79
CA ARG A 106 -33.41 -13.16 -9.47
C ARG A 106 -33.76 -13.33 -8.01
N GLU A 107 -33.51 -14.53 -7.49
CA GLU A 107 -33.86 -14.85 -6.11
C GLU A 107 -33.06 -14.03 -5.10
N SER A 108 -31.80 -13.73 -5.42
CA SER A 108 -30.99 -12.82 -4.60
C SER A 108 -31.58 -11.42 -4.48
N ALA A 109 -32.01 -10.85 -5.60
CA ALA A 109 -32.60 -9.51 -5.58
C ALA A 109 -33.88 -9.49 -4.75
N LYS A 110 -34.73 -10.50 -4.91
CA LYS A 110 -35.98 -10.59 -4.13
C LYS A 110 -35.78 -10.62 -2.62
N VAL A 111 -34.65 -11.15 -2.14
CA VAL A 111 -34.33 -11.17 -0.70
C VAL A 111 -33.34 -10.07 -0.23
N GLY A 112 -33.10 -9.07 -1.08
CA GLY A 112 -32.36 -7.86 -0.70
C GLY A 112 -30.96 -7.59 -1.24
N ALA A 113 -30.42 -8.42 -2.12
CA ALA A 113 -29.08 -8.19 -2.73
C ALA A 113 -29.05 -6.83 -3.42
N HIS A 114 -27.93 -6.10 -3.29
CA HIS A 114 -27.81 -4.76 -3.94
C HIS A 114 -27.01 -4.74 -5.22
N ILE A 115 -26.04 -5.67 -5.37
CA ILE A 115 -25.12 -5.70 -6.50
C ILE A 115 -25.01 -7.11 -7.07
N ILE A 116 -25.09 -7.23 -8.39
CA ILE A 116 -24.81 -8.49 -9.08
C ILE A 116 -23.34 -8.47 -9.47
N ASN A 117 -22.55 -9.36 -8.88
CA ASN A 117 -21.12 -9.43 -9.17
C ASN A 117 -20.81 -10.73 -9.89
N ASP A 118 -20.75 -10.65 -11.21
CA ASP A 118 -20.59 -11.83 -12.04
C ASP A 118 -19.25 -11.78 -12.72
N ILE A 119 -18.39 -12.74 -12.37
CA ILE A 119 -17.09 -12.92 -13.01
C ILE A 119 -17.18 -13.19 -14.52
N ARG A 120 -18.31 -13.72 -14.98
CA ARG A 120 -18.59 -13.99 -16.39
C ARG A 120 -19.34 -12.86 -17.13
N SER A 121 -19.59 -11.74 -16.45
CA SER A 121 -20.21 -10.56 -17.07
C SER A 121 -21.54 -10.86 -17.82
N LEU A 122 -22.35 -11.72 -17.20
CA LEU A 122 -23.69 -12.08 -17.67
C LEU A 122 -23.68 -12.82 -19.00
N SER A 123 -22.68 -13.65 -19.21
CA SER A 123 -22.53 -14.42 -20.44
C SER A 123 -23.42 -15.66 -20.46
N GLU A 124 -23.83 -16.14 -19.30
CA GLU A 124 -24.72 -17.31 -19.24
C GLU A 124 -26.07 -17.03 -19.92
N PRO A 125 -26.67 -18.07 -20.55
CA PRO A 125 -28.00 -17.89 -21.12
C PRO A 125 -29.01 -17.38 -20.08
N GLY A 126 -29.65 -16.25 -20.37
CA GLY A 126 -30.64 -15.65 -19.46
C GLY A 126 -30.13 -14.76 -18.34
N ALA A 127 -28.82 -14.75 -18.09
CA ALA A 127 -28.24 -13.89 -17.05
C ALA A 127 -28.38 -12.41 -17.38
N LEU A 128 -28.20 -12.06 -18.66
CA LEU A 128 -28.32 -10.67 -19.06
C LEU A 128 -29.73 -10.12 -18.83
N GLU A 129 -30.73 -10.87 -19.27
CA GLU A 129 -32.14 -10.52 -19.05
C GLU A 129 -32.52 -10.52 -17.56
N ALA A 130 -32.08 -11.54 -16.82
CA ALA A 130 -32.34 -11.63 -15.39
C ALA A 130 -31.79 -10.42 -14.61
N ALA A 131 -30.54 -10.06 -14.86
CA ALA A 131 -29.92 -8.86 -14.27
C ALA A 131 -30.70 -7.56 -14.55
N ALA A 132 -31.08 -7.35 -15.81
CA ALA A 132 -31.87 -6.17 -16.25
C ALA A 132 -33.18 -6.05 -15.51
N GLU A 133 -33.89 -7.16 -15.38
CA GLU A 133 -35.16 -7.19 -14.67
C GLU A 133 -35.05 -6.81 -13.21
N THR A 134 -33.96 -7.18 -12.53
CA THR A 134 -33.79 -6.80 -11.11
C THR A 134 -33.62 -5.28 -10.93
N GLY A 135 -33.10 -4.62 -11.95
CA GLY A 135 -32.78 -3.19 -11.88
C GLY A 135 -31.57 -2.86 -11.02
N LEU A 136 -30.85 -3.88 -10.52
CA LEU A 136 -29.70 -3.68 -9.64
C LEU A 136 -28.43 -3.31 -10.41
N PRO A 137 -27.46 -2.67 -9.71
CA PRO A 137 -26.08 -2.51 -10.20
C PRO A 137 -25.44 -3.84 -10.62
N VAL A 138 -24.67 -3.78 -11.69
CA VAL A 138 -24.00 -4.96 -12.24
C VAL A 138 -22.51 -4.66 -12.40
N CYS A 139 -21.68 -5.55 -11.89
CA CYS A 139 -20.23 -5.47 -12.08
C CYS A 139 -19.86 -6.26 -13.32
N LEU A 140 -19.10 -5.65 -14.21
CA LEU A 140 -18.61 -6.31 -15.42
C LEU A 140 -17.12 -6.57 -15.27
N MET A 141 -16.74 -7.84 -15.12
CA MET A 141 -15.33 -8.23 -14.90
C MET A 141 -14.72 -8.85 -16.15
N HIS A 142 -13.44 -8.56 -16.40
CA HIS A 142 -12.75 -9.19 -17.51
C HIS A 142 -12.15 -10.54 -17.12
N MET A 143 -12.40 -11.54 -17.94
CA MET A 143 -11.77 -12.85 -17.85
C MET A 143 -11.45 -13.31 -19.29
N GLN A 144 -10.25 -13.80 -19.54
CA GLN A 144 -9.95 -14.53 -20.76
C GLN A 144 -10.27 -16.01 -20.56
N GLY A 145 -11.20 -16.54 -21.37
CA GLY A 145 -11.55 -17.95 -21.32
C GLY A 145 -12.56 -18.18 -20.22
N ASN A 146 -12.37 -19.27 -19.47
CA ASN A 146 -13.21 -19.59 -18.30
C ASN A 146 -12.35 -20.24 -17.20
N PRO A 147 -12.86 -20.29 -15.95
CA PRO A 147 -12.01 -20.63 -14.80
C PRO A 147 -11.18 -21.92 -14.90
N LYS A 148 -11.69 -22.98 -15.53
CA LYS A 148 -10.90 -24.24 -15.55
C LYS A 148 -9.72 -24.27 -16.50
N THR A 149 -9.64 -23.30 -17.41
CA THR A 149 -8.62 -23.30 -18.44
C THR A 149 -7.85 -21.97 -18.59
N MET A 150 -8.37 -20.87 -18.04
CA MET A 150 -7.82 -19.52 -18.24
C MET A 150 -6.33 -19.36 -17.86
N GLN A 151 -5.85 -20.08 -16.84
CA GLN A 151 -4.44 -19.96 -16.43
C GLN A 151 -3.44 -20.84 -17.17
N GLU A 152 -3.89 -21.70 -18.08
CA GLU A 152 -2.97 -22.58 -18.83
C GLU A 152 -1.91 -21.79 -19.55
N ALA A 153 -2.34 -20.89 -20.43
CA ALA A 153 -1.42 -20.08 -21.22
C ALA A 153 -2.08 -18.74 -21.61
N PRO A 154 -2.31 -17.86 -20.62
CA PRO A 154 -2.94 -16.58 -20.98
C PRO A 154 -2.06 -15.77 -21.90
N LYS A 155 -2.66 -15.16 -22.91
CA LYS A 155 -1.93 -14.45 -23.96
C LYS A 155 -2.67 -13.19 -24.35
N TYR A 156 -1.92 -12.10 -24.47
CA TYR A 156 -2.42 -10.83 -25.02
C TYR A 156 -1.31 -10.25 -25.90
N ASP A 157 -1.69 -9.65 -27.03
CA ASP A 157 -0.80 -8.72 -27.74
C ASP A 157 -0.56 -7.48 -26.87
N ASP A 158 -1.64 -7.02 -26.22
CA ASP A 158 -1.62 -5.80 -25.41
C ASP A 158 -2.76 -5.91 -24.40
N VAL A 159 -2.43 -6.23 -23.15
CA VAL A 159 -3.47 -6.64 -22.18
C VAL A 159 -4.36 -5.48 -21.77
N PHE A 160 -3.77 -4.31 -21.52
CA PHE A 160 -4.58 -3.12 -21.25
C PHE A 160 -5.59 -2.82 -22.37
N ALA A 161 -5.10 -2.75 -23.61
CA ALA A 161 -5.95 -2.42 -24.76
C ALA A 161 -7.09 -3.42 -24.91
N GLU A 162 -6.80 -4.70 -24.64
CA GLU A 162 -7.79 -5.75 -24.85
C GLU A 162 -8.82 -5.79 -23.72
N VAL A 163 -8.39 -5.56 -22.48
CA VAL A 163 -9.36 -5.42 -21.37
C VAL A 163 -10.25 -4.18 -21.63
N ASN A 164 -9.62 -3.10 -22.05
CA ASN A 164 -10.34 -1.86 -22.41
C ASN A 164 -11.42 -2.07 -23.50
N ARG A 165 -11.03 -2.76 -24.57
CA ARG A 165 -11.92 -3.13 -25.66
C ARG A 165 -13.10 -3.93 -25.14
N TYR A 166 -12.82 -4.94 -24.29
CA TYR A 166 -13.86 -5.75 -23.66
C TYR A 166 -14.86 -4.90 -22.85
N PHE A 167 -14.38 -3.93 -22.08
CA PHE A 167 -15.31 -3.05 -21.36
C PHE A 167 -16.22 -2.26 -22.34
N ILE A 168 -15.66 -1.74 -23.43
CA ILE A 168 -16.48 -1.01 -24.44
C ILE A 168 -17.64 -1.89 -24.92
N GLU A 169 -17.32 -3.12 -25.29
CA GLU A 169 -18.29 -4.03 -25.90
C GLU A 169 -19.32 -4.48 -24.90
N GLN A 170 -18.89 -4.76 -23.66
CA GLN A 170 -19.80 -5.23 -22.62
C GLN A 170 -20.72 -4.12 -22.07
N ILE A 171 -20.24 -2.90 -22.02
CA ILE A 171 -21.10 -1.78 -21.66
C ILE A 171 -22.22 -1.64 -22.71
N ALA A 172 -21.86 -1.76 -24.00
CA ALA A 172 -22.82 -1.69 -25.12
C ALA A 172 -23.82 -2.81 -25.05
N ARG A 173 -23.33 -4.04 -24.85
CA ARG A 173 -24.22 -5.21 -24.66
C ARG A 173 -25.19 -4.99 -23.50
N CYS A 174 -24.72 -4.40 -22.40
CA CYS A 174 -25.58 -4.15 -21.24
C CYS A 174 -26.62 -3.07 -21.55
N GLU A 175 -26.21 -2.00 -22.23
CA GLU A 175 -27.14 -0.95 -22.63
C GLU A 175 -28.21 -1.45 -23.60
N GLN A 176 -27.85 -2.33 -24.53
CA GLN A 176 -28.79 -2.89 -25.50
C GLN A 176 -29.89 -3.71 -24.83
N ALA A 177 -29.58 -4.32 -23.69
CA ALA A 177 -30.57 -5.05 -22.90
C ALA A 177 -31.35 -4.15 -21.90
N GLY A 178 -31.17 -2.84 -21.99
CA GLY A 178 -31.82 -1.89 -21.09
C GLY A 178 -31.19 -1.71 -19.71
N ILE A 179 -29.95 -2.20 -19.52
CA ILE A 179 -29.18 -1.89 -18.31
C ILE A 179 -28.46 -0.55 -18.55
N ALA A 180 -28.91 0.49 -17.86
CA ALA A 180 -28.32 1.84 -18.04
C ALA A 180 -26.86 1.87 -17.57
N LYS A 181 -26.03 2.63 -18.28
CA LYS A 181 -24.61 2.80 -17.97
C LYS A 181 -24.36 3.13 -16.48
N GLU A 182 -25.26 3.89 -15.88
CA GLU A 182 -25.15 4.30 -14.46
C GLU A 182 -25.28 3.15 -13.45
N LYS A 183 -25.78 1.99 -13.89
CA LYS A 183 -25.83 0.76 -13.07
C LYS A 183 -24.50 -0.03 -13.02
N LEU A 184 -23.58 0.25 -13.95
CA LEU A 184 -22.43 -0.62 -14.19
C LEU A 184 -21.22 -0.29 -13.34
N LEU A 185 -20.52 -1.33 -12.94
CA LEU A 185 -19.15 -1.23 -12.43
C LEU A 185 -18.23 -2.03 -13.34
N LEU A 186 -16.96 -1.63 -13.40
CA LEU A 186 -15.93 -2.32 -14.19
C LEU A 186 -14.79 -2.86 -13.31
N ASP A 187 -14.26 -4.02 -13.70
CA ASP A 187 -13.24 -4.78 -12.92
C ASP A 187 -12.34 -5.49 -13.90
N PRO A 188 -11.04 -5.16 -13.91
CA PRO A 188 -10.14 -5.82 -14.86
C PRO A 188 -9.88 -7.29 -14.58
N GLY A 189 -10.37 -7.81 -13.45
CA GLY A 189 -10.37 -9.24 -13.18
C GLY A 189 -8.99 -9.78 -12.96
N PHE A 190 -8.37 -9.34 -11.87
CA PHE A 190 -7.00 -9.72 -11.60
C PHE A 190 -6.97 -11.24 -11.36
N GLY A 191 -6.07 -11.90 -12.09
CA GLY A 191 -5.89 -13.35 -12.02
C GLY A 191 -6.79 -14.16 -12.92
N PHE A 192 -7.66 -13.52 -13.71
CA PHE A 192 -8.62 -14.27 -14.53
C PHE A 192 -8.15 -14.34 -15.99
N GLY A 193 -7.24 -15.29 -16.22
CA GLY A 193 -6.64 -15.49 -17.52
C GLY A 193 -5.53 -14.49 -17.71
N LYS A 194 -4.67 -14.39 -16.70
CA LYS A 194 -3.56 -13.44 -16.67
C LYS A 194 -2.36 -14.04 -15.92
N ASN A 195 -1.18 -13.92 -16.53
CA ASN A 195 0.09 -14.20 -15.85
C ASN A 195 0.54 -13.00 -15.06
N LEU A 196 1.60 -13.21 -14.29
CA LEU A 196 2.14 -12.22 -13.35
C LEU A 196 2.33 -10.87 -14.01
N SER A 197 2.99 -10.91 -15.15
CA SER A 197 3.26 -9.73 -15.98
C SER A 197 1.96 -8.99 -16.40
N HIS A 198 0.97 -9.75 -16.87
CA HIS A 198 -0.31 -9.17 -17.28
C HIS A 198 -1.02 -8.45 -16.13
N ASN A 199 -1.06 -9.10 -14.97
CA ASN A 199 -1.69 -8.50 -13.80
C ASN A 199 -1.08 -7.16 -13.42
N TYR A 200 0.25 -7.08 -13.44
CA TYR A 200 0.92 -5.86 -13.02
C TYR A 200 0.81 -4.75 -14.07
N SER A 201 0.74 -5.12 -15.34
CA SER A 201 0.46 -4.12 -16.37
C SER A 201 -0.86 -3.42 -16.13
N LEU A 202 -1.89 -4.21 -15.79
CA LEU A 202 -3.22 -3.69 -15.52
C LEU A 202 -3.29 -2.81 -14.28
N LEU A 203 -2.64 -3.24 -13.19
CA LEU A 203 -2.62 -2.48 -11.95
C LEU A 203 -1.88 -1.14 -12.09
N ALA A 204 -0.80 -1.16 -12.86
CA ALA A 204 -0.01 0.04 -13.12
C ALA A 204 -0.75 1.08 -13.96
N ARG A 205 -1.73 0.65 -14.77
CA ARG A 205 -2.49 1.50 -15.67
C ARG A 205 -3.97 1.58 -15.28
N LEU A 206 -4.30 1.18 -14.05
CA LEU A 206 -5.70 1.09 -13.61
C LEU A 206 -6.43 2.42 -13.73
N ALA A 207 -5.76 3.52 -13.38
CA ALA A 207 -6.35 4.87 -13.45
C ALA A 207 -6.86 5.24 -14.83
N GLU A 208 -6.28 4.67 -15.89
CA GLU A 208 -6.72 4.94 -17.25
C GLU A 208 -8.09 4.34 -17.59
N PHE A 209 -8.56 3.36 -16.82
CA PHE A 209 -9.94 2.88 -16.95
C PHE A 209 -10.98 3.87 -16.46
N HIS A 210 -10.58 4.95 -15.78
CA HIS A 210 -11.55 5.99 -15.38
C HIS A 210 -12.24 6.72 -16.54
N HIS A 211 -11.74 6.61 -17.77
CA HIS A 211 -12.38 7.35 -18.87
C HIS A 211 -13.83 6.95 -19.10
N PHE A 212 -14.21 5.73 -18.66
CA PHE A 212 -15.61 5.28 -18.75
C PHE A 212 -16.55 6.00 -17.81
N ASN A 213 -16.01 6.77 -16.85
CA ASN A 213 -16.80 7.45 -15.82
C ASN A 213 -17.66 6.47 -15.05
N LEU A 214 -17.08 5.30 -14.72
CA LEU A 214 -17.83 4.28 -13.98
C LEU A 214 -17.02 3.80 -12.78
N PRO A 215 -17.70 3.32 -11.72
CA PRO A 215 -16.93 2.80 -10.59
C PRO A 215 -16.04 1.65 -11.01
N LEU A 216 -14.78 1.70 -10.60
CA LEU A 216 -13.84 0.58 -10.67
C LEU A 216 -13.90 -0.25 -9.41
N LEU A 217 -14.00 -1.56 -9.59
CA LEU A 217 -13.94 -2.54 -8.49
C LEU A 217 -12.71 -3.41 -8.76
N VAL A 218 -11.99 -3.79 -7.72
CA VAL A 218 -10.80 -4.62 -7.92
C VAL A 218 -10.69 -5.72 -6.86
N GLY A 219 -10.23 -6.88 -7.27
CA GLY A 219 -10.03 -7.98 -6.35
C GLY A 219 -8.65 -8.59 -6.51
N MET A 220 -7.77 -8.32 -5.55
CA MET A 220 -6.41 -8.85 -5.60
C MET A 220 -6.03 -9.57 -4.32
N SER A 221 -6.94 -9.65 -3.36
CA SER A 221 -6.60 -10.20 -2.07
C SER A 221 -6.08 -11.65 -2.02
N ARG A 222 -4.87 -11.78 -1.50
CA ARG A 222 -4.18 -13.08 -1.31
C ARG A 222 -3.96 -13.85 -2.61
N LYS A 223 -4.01 -13.18 -3.76
CA LYS A 223 -3.96 -13.88 -5.05
C LYS A 223 -2.54 -14.23 -5.49
N SER A 224 -2.50 -15.08 -6.50
CA SER A 224 -1.28 -15.54 -7.13
C SER A 224 -0.32 -14.44 -7.56
N MET A 225 -0.82 -13.30 -8.07
CA MET A 225 0.06 -12.16 -8.39
C MET A 225 0.90 -11.65 -7.20
N ILE A 226 0.40 -11.87 -5.98
CA ILE A 226 1.20 -11.64 -4.78
C ILE A 226 2.04 -12.87 -4.43
N GLY A 227 1.40 -14.03 -4.41
CA GLY A 227 2.07 -15.33 -4.14
C GLY A 227 3.32 -15.63 -4.95
N GLN A 228 3.29 -15.37 -6.25
CA GLN A 228 4.47 -15.63 -7.10
C GLN A 228 5.59 -14.62 -6.91
N LEU A 229 5.26 -13.45 -6.40
CA LEU A 229 6.24 -12.39 -6.23
C LEU A 229 6.97 -12.57 -4.88
N LEU A 230 6.25 -12.98 -3.85
CA LEU A 230 6.84 -13.24 -2.54
C LEU A 230 7.21 -14.72 -2.28
N ASN A 231 6.76 -15.63 -3.15
CA ASN A 231 7.02 -17.08 -2.99
C ASN A 231 6.49 -17.63 -1.68
N VAL A 232 5.27 -17.23 -1.31
CA VAL A 232 4.64 -17.67 -0.07
C VAL A 232 3.21 -18.10 -0.31
N GLY A 233 2.67 -18.80 0.67
CA GLY A 233 1.33 -19.34 0.60
C GLY A 233 0.30 -18.29 0.92
N PRO A 234 -0.99 -18.59 0.65
CA PRO A 234 -2.11 -17.67 0.83
C PRO A 234 -2.21 -16.98 2.19
N SER A 235 -1.85 -17.69 3.25
CA SER A 235 -1.96 -17.17 4.60
C SER A 235 -0.90 -16.13 4.90
N GLU A 236 0.17 -16.09 4.09
CA GLU A 236 1.30 -15.17 4.32
C GLU A 236 1.30 -13.93 3.43
N ARG A 237 0.16 -13.58 2.83
CA ARG A 237 0.11 -12.57 1.74
C ARG A 237 -0.50 -11.24 2.12
N LEU A 238 -0.72 -11.00 3.40
CA LEU A 238 -1.41 -9.81 3.84
C LEU A 238 -0.70 -8.52 3.43
N SER A 239 0.59 -8.40 3.70
CA SER A 239 1.32 -7.17 3.36
C SER A 239 1.22 -6.85 1.86
N GLY A 240 1.43 -7.89 1.04
CA GLY A 240 1.30 -7.80 -0.41
C GLY A 240 -0.11 -7.45 -0.83
N SER A 241 -1.12 -8.02 -0.17
CA SER A 241 -2.52 -7.66 -0.42
C SER A 241 -2.82 -6.17 -0.12
N LEU A 242 -2.34 -5.69 1.02
CA LEU A 242 -2.48 -4.28 1.39
C LEU A 242 -1.75 -3.35 0.39
N ALA A 243 -0.57 -3.77 -0.07
CA ALA A 243 0.14 -3.00 -1.08
C ALA A 243 -0.68 -2.88 -2.38
N CYS A 244 -1.28 -3.98 -2.82
CA CYS A 244 -2.15 -3.99 -3.97
C CYS A 244 -3.34 -3.07 -3.81
N ALA A 245 -4.04 -3.23 -2.70
CA ALA A 245 -5.19 -2.40 -2.33
C ALA A 245 -4.90 -0.92 -2.31
N VAL A 246 -3.78 -0.54 -1.72
CA VAL A 246 -3.36 0.86 -1.66
C VAL A 246 -2.99 1.39 -3.05
N ILE A 247 -2.24 0.61 -3.83
CA ILE A 247 -1.92 1.02 -5.19
C ILE A 247 -3.21 1.28 -5.97
N ALA A 248 -4.20 0.39 -5.83
CA ALA A 248 -5.45 0.56 -6.55
C ALA A 248 -6.25 1.78 -6.09
N ALA A 249 -6.42 1.93 -4.76
CA ALA A 249 -7.22 3.02 -4.21
C ALA A 249 -6.60 4.39 -4.45
N MET A 250 -5.25 4.48 -4.49
CA MET A 250 -4.56 5.70 -4.85
C MET A 250 -4.83 6.15 -6.29
N GLN A 251 -5.07 5.18 -7.17
CA GLN A 251 -5.49 5.42 -8.54
C GLN A 251 -7.02 5.57 -8.71
N GLY A 252 -7.73 5.77 -7.61
CA GLY A 252 -9.15 6.06 -7.62
C GLY A 252 -10.10 4.89 -7.65
N ALA A 253 -9.63 3.65 -7.45
CA ALA A 253 -10.54 2.49 -7.43
C ALA A 253 -11.54 2.70 -6.30
N HIS A 254 -12.79 2.35 -6.56
CA HIS A 254 -13.89 2.67 -5.65
C HIS A 254 -14.20 1.57 -4.65
N ILE A 255 -14.13 0.32 -5.09
CA ILE A 255 -14.42 -0.83 -4.23
C ILE A 255 -13.25 -1.81 -4.31
N ILE A 256 -12.80 -2.27 -3.14
CA ILE A 256 -11.67 -3.18 -3.00
C ILE A 256 -12.18 -4.48 -2.34
N ARG A 257 -12.09 -5.59 -3.06
CA ARG A 257 -12.63 -6.86 -2.56
C ARG A 257 -11.54 -7.60 -1.82
N VAL A 258 -11.75 -7.86 -0.53
CA VAL A 258 -10.69 -8.42 0.35
C VAL A 258 -11.15 -9.47 1.34
N HIS A 259 -10.19 -10.30 1.79
CA HIS A 259 -10.38 -11.23 2.91
C HIS A 259 -10.17 -10.54 4.25
N ASP A 260 -9.19 -9.66 4.31
CA ASP A 260 -8.74 -9.03 5.55
C ASP A 260 -9.28 -7.60 5.67
N VAL A 261 -10.47 -7.50 6.27
CA VAL A 261 -11.24 -6.27 6.25
C VAL A 261 -10.64 -5.20 7.15
N LYS A 262 -10.34 -5.55 8.40
CA LYS A 262 -9.85 -4.55 9.37
C LYS A 262 -8.64 -3.80 8.82
N GLU A 263 -7.68 -4.57 8.32
CA GLU A 263 -6.43 -4.05 7.86
C GLU A 263 -6.59 -3.21 6.60
N THR A 264 -7.38 -3.70 5.66
CA THR A 264 -7.65 -2.97 4.43
C THR A 264 -8.35 -1.64 4.74
N VAL A 265 -9.40 -1.69 5.55
CA VAL A 265 -10.08 -0.47 6.01
C VAL A 265 -9.09 0.53 6.62
N GLU A 266 -8.17 0.05 7.47
CA GLU A 266 -7.14 0.92 8.04
C GLU A 266 -6.29 1.53 6.96
N ALA A 267 -5.85 0.72 6.01
CA ALA A 267 -5.06 1.23 4.90
C ALA A 267 -5.88 2.22 4.04
N MET A 268 -7.17 1.96 3.84
CA MET A 268 -8.00 2.88 3.04
C MET A 268 -8.19 4.26 3.68
N ARG A 269 -8.21 4.32 5.01
CA ARG A 269 -8.24 5.62 5.73
C ARG A 269 -7.01 6.45 5.44
N VAL A 270 -5.82 5.82 5.46
CA VAL A 270 -4.57 6.50 5.12
C VAL A 270 -4.61 6.99 3.66
N VAL A 271 -5.10 6.16 2.74
CA VAL A 271 -5.28 6.59 1.35
C VAL A 271 -6.23 7.80 1.24
N GLU A 272 -7.37 7.72 1.93
CA GLU A 272 -8.41 8.76 1.91
C GLU A 272 -7.87 10.09 2.45
N ALA A 273 -7.17 10.02 3.59
CA ALA A 273 -6.48 11.21 4.10
C ALA A 273 -5.50 11.79 3.07
N THR A 274 -4.76 10.92 2.37
CA THR A 274 -3.81 11.38 1.33
C THR A 274 -4.53 11.99 0.12
N LEU A 275 -5.58 11.31 -0.35
CA LEU A 275 -6.40 11.83 -1.46
C LEU A 275 -7.13 13.14 -1.12
N SER A 276 -7.67 13.26 0.09
CA SER A 276 -8.31 14.50 0.53
C SER A 276 -7.37 15.70 0.49
N ALA A 277 -6.11 15.48 0.84
CA ALA A 277 -5.11 16.55 0.80
C ALA A 277 -4.64 16.93 -0.62
N LYS A 278 -4.86 16.08 -1.62
CA LYS A 278 -4.29 16.27 -2.99
C LYS A 278 -4.98 17.36 -3.83
N SER B 2 19.80 7.03 -13.43
CA SER B 2 19.38 6.37 -12.15
C SER B 2 20.40 6.63 -11.02
N MET B 3 19.87 6.91 -9.86
CA MET B 3 20.61 7.59 -8.79
C MET B 3 21.48 6.61 -8.00
N LYS B 4 22.70 7.03 -7.67
CA LYS B 4 23.63 6.26 -6.83
C LYS B 4 24.26 7.10 -5.70
N LEU B 5 24.44 6.47 -4.54
CA LEU B 5 25.25 7.01 -3.45
C LEU B 5 26.50 6.17 -3.32
N PHE B 6 27.61 6.81 -2.91
CA PHE B 6 28.88 6.14 -2.71
C PHE B 6 29.36 6.42 -1.31
N ALA B 7 29.77 5.39 -0.58
CA ALA B 7 30.38 5.60 0.73
C ALA B 7 31.18 4.39 1.16
N GLN B 8 32.32 4.63 1.80
CA GLN B 8 33.14 3.57 2.37
C GLN B 8 33.53 2.53 1.33
N GLY B 9 33.80 2.97 0.10
CA GLY B 9 34.23 2.07 -0.96
C GLY B 9 33.19 1.18 -1.60
N THR B 10 31.91 1.40 -1.27
CA THR B 10 30.81 0.69 -1.89
C THR B 10 29.82 1.72 -2.38
N SER B 11 28.72 1.28 -2.96
CA SER B 11 27.71 2.18 -3.50
C SER B 11 26.35 1.61 -3.29
N LEU B 12 25.35 2.47 -3.36
CA LEU B 12 23.96 2.09 -3.15
C LEU B 12 23.18 2.44 -4.41
N ASP B 13 22.54 1.44 -5.00
CA ASP B 13 21.81 1.63 -6.27
C ASP B 13 20.38 2.01 -5.96
N LEU B 14 20.02 3.27 -6.19
CA LEU B 14 18.68 3.77 -5.88
C LEU B 14 17.68 3.70 -7.04
N SER B 15 17.87 2.75 -7.94
CA SER B 15 16.92 2.49 -9.04
C SER B 15 15.66 1.76 -8.57
N HIS B 16 15.63 1.33 -7.30
CA HIS B 16 14.46 0.72 -6.68
C HIS B 16 14.40 1.18 -5.22
N PRO B 17 13.21 1.07 -4.58
CA PRO B 17 13.12 1.50 -3.20
C PRO B 17 13.87 0.58 -2.22
N HIS B 18 14.59 1.21 -1.29
CA HIS B 18 15.37 0.54 -0.26
C HIS B 18 14.67 0.70 1.09
N VAL B 19 14.59 -0.39 1.84
CA VAL B 19 14.03 -0.36 3.19
C VAL B 19 15.15 -0.24 4.21
N MET B 20 15.02 0.77 5.08
CA MET B 20 15.97 1.06 6.15
C MET B 20 15.34 0.63 7.47
N GLY B 21 15.91 -0.39 8.09
CA GLY B 21 15.44 -0.87 9.37
C GLY B 21 16.00 -0.03 10.51
N ILE B 22 15.21 0.11 11.56
CA ILE B 22 15.56 0.91 12.72
C ILE B 22 16.22 0.02 13.76
N LEU B 23 17.43 0.40 14.16
CA LEU B 23 18.17 -0.26 15.23
C LEU B 23 18.29 0.74 16.39
N ASN B 24 17.57 0.45 17.48
CA ASN B 24 17.64 1.26 18.68
C ASN B 24 18.69 0.71 19.64
N VAL B 25 19.72 1.52 19.91
CA VAL B 25 20.74 1.18 20.92
C VAL B 25 20.30 1.43 22.37
N THR B 26 19.68 2.59 22.62
CA THR B 26 19.43 3.16 23.98
C THR B 26 18.83 2.18 25.02
N ASN B 37 25.84 -8.65 26.64
CA ASN B 37 26.12 -7.38 25.99
C ASN B 37 24.93 -6.88 25.16
N SER B 38 24.69 -5.57 25.21
CA SER B 38 23.80 -4.93 24.25
C SER B 38 24.41 -4.97 22.83
N LEU B 39 25.73 -5.05 22.75
CA LEU B 39 26.44 -5.16 21.47
C LEU B 39 26.09 -6.44 20.73
N ILE B 40 26.05 -7.57 21.44
CA ILE B 40 25.62 -8.87 20.89
C ILE B 40 24.19 -8.84 20.38
N ASP B 41 23.28 -8.23 21.17
CA ASP B 41 21.87 -8.13 20.78
C ASP B 41 21.64 -7.17 19.61
N ALA B 42 22.46 -6.12 19.50
CA ALA B 42 22.38 -5.20 18.36
C ALA B 42 22.73 -5.93 17.05
N VAL B 43 23.81 -6.69 17.09
CA VAL B 43 24.27 -7.47 15.95
C VAL B 43 23.18 -8.46 15.53
N LYS B 44 22.58 -9.14 16.49
CA LYS B 44 21.49 -10.09 16.22
C LYS B 44 20.27 -9.40 15.57
N HIS B 45 19.85 -8.24 16.09
CA HIS B 45 18.71 -7.54 15.51
C HIS B 45 19.06 -7.02 14.11
N ALA B 46 20.30 -6.56 13.92
CA ALA B 46 20.78 -6.16 12.59
C ALA B 46 20.70 -7.33 11.61
N ASN B 47 21.24 -8.49 12.02
CA ASN B 47 21.14 -9.73 11.25
C ASN B 47 19.67 -10.09 10.87
N LEU B 48 18.75 -9.94 11.82
CA LEU B 48 17.33 -10.22 11.55
C LEU B 48 16.73 -9.27 10.52
N MET B 49 17.13 -8.00 10.58
CA MET B 49 16.65 -7.01 9.61
C MET B 49 17.21 -7.26 8.21
N ILE B 50 18.48 -7.68 8.13
CA ILE B 50 19.11 -8.01 6.84
C ILE B 50 18.36 -9.18 6.21
N ASN B 51 18.15 -10.24 6.98
CA ASN B 51 17.43 -11.42 6.51
C ASN B 51 15.95 -11.16 6.18
N ALA B 52 15.37 -10.09 6.73
CA ALA B 52 14.04 -9.63 6.31
C ALA B 52 14.07 -8.72 5.05
N GLY B 53 15.26 -8.36 4.59
CA GLY B 53 15.42 -7.60 3.35
C GLY B 53 15.88 -6.15 3.48
N ALA B 54 16.19 -5.71 4.70
CA ALA B 54 16.73 -4.35 4.86
C ALA B 54 18.09 -4.25 4.18
N THR B 55 18.32 -3.15 3.47
CA THR B 55 19.61 -2.88 2.84
C THR B 55 20.37 -1.72 3.49
N ILE B 56 19.72 -1.04 4.45
CA ILE B 56 20.32 -0.01 5.28
C ILE B 56 19.82 -0.24 6.72
N ILE B 57 20.70 -0.02 7.69
CA ILE B 57 20.32 -0.01 9.12
C ILE B 57 20.60 1.39 9.67
N ASP B 58 19.57 1.99 10.28
CA ASP B 58 19.65 3.30 10.94
C ASP B 58 19.91 3.08 12.44
N VAL B 59 21.12 3.46 12.87
CA VAL B 59 21.60 3.29 14.25
C VAL B 59 21.44 4.63 15.02
N GLY B 60 20.57 4.63 16.03
CA GLY B 60 20.35 5.80 16.88
C GLY B 60 20.73 5.48 18.30
N GLY B 61 21.58 6.33 18.90
CA GLY B 61 22.11 6.18 20.29
C GLY B 61 21.65 7.18 21.35
N GLU B 62 21.10 8.31 20.91
CA GLU B 62 20.19 9.14 21.72
C GLU B 62 18.82 8.75 21.20
N SER B 63 17.83 8.59 22.07
CA SER B 63 16.50 8.12 21.64
C SER B 63 15.82 9.02 20.60
N THR B 64 16.35 10.24 20.40
CA THR B 64 15.99 11.15 19.28
C THR B 64 14.47 11.25 19.08
N ARG B 65 13.79 11.43 20.22
CA ARG B 65 12.34 11.38 20.36
C ARG B 65 11.90 12.71 21.02
N PRO B 66 10.59 12.90 21.32
CA PRO B 66 10.18 14.19 21.88
C PRO B 66 10.39 14.26 23.39
N GLY B 67 11.51 14.86 23.79
CA GLY B 67 11.87 15.04 25.19
C GLY B 67 12.58 13.85 25.82
N ALA B 68 13.19 13.00 25.01
CA ALA B 68 14.02 11.91 25.54
C ALA B 68 15.29 12.49 26.12
N ALA B 69 15.94 11.72 26.98
CA ALA B 69 17.08 12.20 27.75
C ALA B 69 18.26 12.52 26.83
N GLU B 70 18.78 13.74 26.95
CA GLU B 70 20.05 14.08 26.28
C GLU B 70 21.21 13.32 26.92
N VAL B 71 22.19 12.94 26.09
CA VAL B 71 23.40 12.29 26.58
C VAL B 71 24.65 13.12 26.29
N SER B 72 25.71 12.86 27.05
CA SER B 72 27.00 13.51 26.81
C SER B 72 27.64 12.93 25.54
N VAL B 73 28.73 13.55 25.09
CA VAL B 73 29.41 13.08 23.88
C VAL B 73 29.94 11.68 24.10
N GLU B 74 30.60 11.50 25.24
CA GLU B 74 31.23 10.26 25.61
C GLU B 74 30.23 9.11 25.68
N GLU B 75 29.05 9.36 26.26
CA GLU B 75 28.02 8.33 26.30
C GLU B 75 27.57 7.95 24.89
N GLU B 76 27.27 8.93 24.03
CA GLU B 76 26.75 8.64 22.70
C GLU B 76 27.78 7.87 21.85
N LEU B 77 29.05 8.27 21.93
CA LEU B 77 30.18 7.56 21.31
C LEU B 77 30.28 6.13 21.83
N GLN B 78 30.18 5.96 23.16
CA GLN B 78 30.27 4.62 23.74
C GLN B 78 29.07 3.74 23.37
N ARG B 79 27.93 4.35 23.02
CA ARG B 79 26.76 3.58 22.59
C ARG B 79 26.72 3.24 21.09
N VAL B 80 27.06 4.23 20.27
CA VAL B 80 26.91 4.14 18.82
C VAL B 80 28.13 3.50 18.20
N ILE B 81 29.32 3.99 18.55
CA ILE B 81 30.54 3.64 17.82
C ILE B 81 30.77 2.14 17.79
N PRO B 82 30.72 1.46 18.96
CA PRO B 82 30.94 0.00 18.88
C PRO B 82 29.90 -0.76 18.06
N VAL B 83 28.69 -0.20 17.95
CA VAL B 83 27.64 -0.86 17.18
C VAL B 83 27.88 -0.69 15.70
N VAL B 84 28.17 0.53 15.27
CA VAL B 84 28.52 0.80 13.89
C VAL B 84 29.68 -0.11 13.48
N GLU B 85 30.76 -0.06 14.23
CA GLU B 85 31.96 -0.87 14.00
C GLU B 85 31.64 -2.35 13.89
N ALA B 86 30.95 -2.89 14.89
CA ALA B 86 30.53 -4.29 14.85
C ALA B 86 29.75 -4.69 13.59
N ILE B 87 28.86 -3.81 13.13
CA ILE B 87 28.03 -4.09 11.96
C ILE B 87 28.88 -4.07 10.69
N ALA B 88 29.74 -3.07 10.57
CA ALA B 88 30.63 -2.95 9.41
C ALA B 88 31.59 -4.12 9.30
N GLN B 89 31.98 -4.69 10.44
CA GLN B 89 32.86 -5.86 10.45
C GLN B 89 32.18 -7.09 9.93
N ARG B 90 30.92 -7.27 10.29
CA ARG B 90 30.19 -8.51 10.06
C ARG B 90 29.32 -8.53 8.81
N PHE B 91 28.87 -7.36 8.32
CA PHE B 91 27.87 -7.30 7.25
C PHE B 91 28.26 -6.36 6.11
N GLU B 92 27.62 -6.52 4.95
CA GLU B 92 27.74 -5.59 3.79
C GLU B 92 26.71 -4.45 3.85
N VAL B 93 25.72 -4.58 4.72
CA VAL B 93 24.58 -3.65 4.80
C VAL B 93 25.07 -2.22 4.97
N TRP B 94 24.35 -1.27 4.39
CA TRP B 94 24.70 0.13 4.61
C TRP B 94 24.19 0.56 6.00
N ILE B 95 24.88 1.56 6.56
CA ILE B 95 24.73 1.97 7.93
C ILE B 95 24.51 3.48 7.94
N SER B 96 23.34 3.85 8.41
CA SER B 96 22.98 5.24 8.62
C SER B 96 23.12 5.52 10.12
N VAL B 97 23.80 6.60 10.49
CA VAL B 97 23.99 6.95 11.91
C VAL B 97 23.11 8.15 12.20
N ASP B 98 22.26 7.97 13.20
CA ASP B 98 21.23 8.93 13.61
C ASP B 98 21.85 9.76 14.76
N THR B 99 22.40 10.93 14.41
CA THR B 99 23.16 11.76 15.35
C THR B 99 23.22 13.21 14.91
N SER B 100 23.41 14.07 15.89
CA SER B 100 23.57 15.50 15.68
C SER B 100 24.91 16.03 16.13
N LYS B 101 25.75 15.19 16.76
CA LYS B 101 26.99 15.65 17.37
C LYS B 101 28.19 15.48 16.43
N PRO B 102 29.01 16.56 16.26
CA PRO B 102 30.17 16.48 15.37
C PRO B 102 31.15 15.37 15.70
N GLU B 103 31.38 15.11 17.00
CA GLU B 103 32.30 14.07 17.44
C GLU B 103 31.81 12.71 17.00
N VAL B 104 30.49 12.48 17.10
CA VAL B 104 29.91 11.19 16.74
C VAL B 104 29.92 11.01 15.23
N ILE B 105 29.65 12.07 14.46
CA ILE B 105 29.76 12.06 13.02
C ILE B 105 31.17 11.63 12.57
N ARG B 106 32.21 12.27 13.15
CA ARG B 106 33.60 11.94 12.82
C ARG B 106 33.95 10.51 13.12
N GLU B 107 33.70 10.12 14.35
CA GLU B 107 34.10 8.78 14.79
C GLU B 107 33.30 7.68 14.12
N SER B 108 32.04 7.97 13.78
CA SER B 108 31.21 7.01 13.06
C SER B 108 31.76 6.74 11.66
N ALA B 109 32.16 7.78 10.95
CA ALA B 109 32.77 7.62 9.62
C ALA B 109 34.03 6.76 9.73
N LYS B 110 34.82 6.97 10.76
CA LYS B 110 36.06 6.21 10.97
C LYS B 110 35.86 4.71 11.12
N VAL B 111 34.71 4.26 11.60
CA VAL B 111 34.47 2.82 11.73
C VAL B 111 33.48 2.24 10.74
N GLY B 112 33.08 2.99 9.72
CA GLY B 112 32.34 2.41 8.59
C GLY B 112 30.96 2.91 8.23
N ALA B 113 30.46 3.93 8.93
CA ALA B 113 29.14 4.46 8.66
C ALA B 113 29.05 5.01 7.24
N HIS B 114 27.90 4.78 6.61
CA HIS B 114 27.69 5.17 5.22
C HIS B 114 26.91 6.45 5.06
N ILE B 115 25.94 6.71 5.96
CA ILE B 115 25.04 7.86 5.85
C ILE B 115 24.95 8.61 7.19
N ILE B 116 25.04 9.94 7.12
CA ILE B 116 24.85 10.79 8.30
C ILE B 116 23.40 11.23 8.31
N ASN B 117 22.65 10.71 9.26
CA ASN B 117 21.23 10.96 9.33
C ASN B 117 20.98 11.87 10.50
N ASP B 118 21.12 13.17 10.28
CA ASP B 118 20.90 14.16 11.33
C ASP B 118 19.53 14.82 11.17
N ILE B 119 18.62 14.55 12.10
CA ILE B 119 17.27 15.15 12.06
C ILE B 119 17.30 16.68 12.25
N ARG B 120 18.34 17.16 12.93
CA ARG B 120 18.62 18.57 13.03
C ARG B 120 19.36 19.18 11.84
N SER B 121 19.59 18.42 10.76
CA SER B 121 20.23 18.95 9.54
C SER B 121 21.55 19.70 9.78
N LEU B 122 22.40 19.14 10.65
CA LEU B 122 23.74 19.65 10.93
C LEU B 122 23.73 21.09 11.50
N SER B 123 22.77 21.37 12.38
CA SER B 123 22.58 22.72 12.93
C SER B 123 23.37 22.94 14.24
N GLU B 124 23.80 21.87 14.91
CA GLU B 124 24.67 21.98 16.08
C GLU B 124 26.07 22.54 15.72
N PRO B 125 26.73 23.23 16.67
CA PRO B 125 28.05 23.78 16.37
C PRO B 125 29.06 22.71 15.94
N GLY B 126 29.68 22.91 14.77
CA GLY B 126 30.67 21.98 14.24
C GLY B 126 30.15 20.82 13.42
N ALA B 127 28.83 20.61 13.38
CA ALA B 127 28.26 19.43 12.74
C ALA B 127 28.41 19.48 11.24
N LEU B 128 28.15 20.64 10.66
CA LEU B 128 28.32 20.88 9.22
C LEU B 128 29.75 20.57 8.76
N GLU B 129 30.73 21.09 9.52
CA GLU B 129 32.15 20.92 9.20
C GLU B 129 32.58 19.47 9.39
N ALA B 130 32.07 18.82 10.43
CA ALA B 130 32.39 17.41 10.65
C ALA B 130 31.86 16.51 9.52
N ALA B 131 30.63 16.76 9.07
CA ALA B 131 30.00 15.96 8.01
C ALA B 131 30.74 16.14 6.70
N ALA B 132 31.08 17.40 6.39
CA ALA B 132 31.94 17.74 5.26
C ALA B 132 33.25 16.99 5.24
N GLU B 133 33.93 16.93 6.39
CA GLU B 133 35.22 16.20 6.52
C GLU B 133 35.11 14.71 6.18
N THR B 134 34.02 14.08 6.60
CA THR B 134 33.80 12.66 6.33
C THR B 134 33.63 12.34 4.84
N GLY B 135 33.20 13.31 4.03
CA GLY B 135 32.86 13.04 2.63
C GLY B 135 31.62 12.15 2.40
N LEU B 136 30.86 11.87 3.45
CA LEU B 136 29.79 10.86 3.39
C LEU B 136 28.47 11.48 2.95
N PRO B 137 27.55 10.64 2.45
CA PRO B 137 26.19 11.11 2.25
C PRO B 137 25.55 11.69 3.53
N VAL B 138 24.78 12.76 3.36
CA VAL B 138 24.12 13.46 4.44
C VAL B 138 22.64 13.57 4.11
N CYS B 139 21.78 13.21 5.06
CA CYS B 139 20.35 13.36 4.87
C CYS B 139 19.90 14.66 5.57
N LEU B 140 19.15 15.50 4.84
CA LEU B 140 18.65 16.79 5.33
C LEU B 140 17.17 16.65 5.61
N MET B 141 16.79 16.65 6.89
CA MET B 141 15.39 16.52 7.27
C MET B 141 14.80 17.86 7.68
N HIS B 142 13.51 18.07 7.38
CA HIS B 142 12.79 19.26 7.83
C HIS B 142 12.20 19.05 9.21
N MET B 143 12.42 20.03 10.05
CA MET B 143 11.82 20.13 11.37
C MET B 143 11.41 21.60 11.60
N GLN B 144 10.56 21.86 12.60
CA GLN B 144 10.14 23.22 12.96
C GLN B 144 10.09 23.36 14.48
N PRO B 154 2.69 24.97 15.70
CA PRO B 154 2.63 23.98 14.61
C PRO B 154 1.80 24.51 13.42
N LYS B 155 2.24 25.63 12.84
CA LYS B 155 1.46 26.40 11.84
C LYS B 155 2.24 26.71 10.56
N TYR B 156 1.63 26.41 9.42
CA TYR B 156 2.19 26.75 8.10
C TYR B 156 1.09 27.38 7.24
N ASP B 157 1.46 28.34 6.39
CA ASP B 157 0.54 28.84 5.35
C ASP B 157 0.40 27.80 4.25
N ASP B 158 1.53 27.40 3.69
CA ASP B 158 1.64 26.36 2.66
C ASP B 158 2.81 25.44 3.06
N VAL B 159 2.49 24.27 3.62
CA VAL B 159 3.51 23.40 4.23
C VAL B 159 4.53 22.89 3.21
N PHE B 160 4.07 22.49 2.04
CA PHE B 160 4.97 22.11 0.96
C PHE B 160 5.95 23.24 0.60
N ALA B 161 5.44 24.45 0.42
CA ALA B 161 6.28 25.60 0.04
C ALA B 161 7.31 25.94 1.13
N GLU B 162 6.91 25.84 2.40
CA GLU B 162 7.86 26.03 3.52
C GLU B 162 8.96 24.95 3.58
N VAL B 163 8.59 23.69 3.30
CA VAL B 163 9.56 22.60 3.23
C VAL B 163 10.47 22.76 2.01
N ASN B 164 9.89 23.09 0.86
CA ASN B 164 10.68 23.25 -0.36
C ASN B 164 11.73 24.36 -0.23
N ARG B 165 11.35 25.42 0.48
CA ARG B 165 12.22 26.58 0.73
C ARG B 165 13.37 26.17 1.64
N TYR B 166 13.05 25.46 2.71
CA TYR B 166 14.04 24.93 3.65
C TYR B 166 15.10 24.05 2.98
N PHE B 167 14.68 23.19 2.04
CA PHE B 167 15.64 22.37 1.27
C PHE B 167 16.59 23.23 0.42
N ILE B 168 16.08 24.26 -0.26
CA ILE B 168 16.93 25.18 -1.08
C ILE B 168 18.01 25.83 -0.22
N GLU B 169 17.59 26.28 0.96
CA GLU B 169 18.43 26.87 1.99
C GLU B 169 19.53 25.91 2.51
N GLN B 170 19.13 24.70 2.88
CA GLN B 170 20.08 23.73 3.44
C GLN B 170 20.98 23.12 2.38
N ILE B 171 20.48 22.94 1.17
CA ILE B 171 21.32 22.49 0.06
C ILE B 171 22.48 23.48 -0.11
N ALA B 172 22.13 24.77 -0.20
CA ALA B 172 23.10 25.86 -0.36
C ALA B 172 24.04 25.99 0.85
N ARG B 173 23.51 25.84 2.07
CA ARG B 173 24.35 25.85 3.27
C ARG B 173 25.43 24.75 3.22
N CYS B 174 25.02 23.56 2.81
CA CYS B 174 25.93 22.41 2.61
C CYS B 174 26.90 22.63 1.44
N GLU B 175 26.40 23.05 0.27
CA GLU B 175 27.27 23.36 -0.90
C GLU B 175 28.37 24.37 -0.56
N GLN B 176 28.00 25.41 0.19
CA GLN B 176 28.91 26.46 0.65
C GLN B 176 30.01 25.96 1.62
N ALA B 177 29.75 24.87 2.35
CA ALA B 177 30.72 24.28 3.28
C ALA B 177 31.52 23.11 2.69
N GLY B 178 31.39 22.88 1.37
CA GLY B 178 32.15 21.82 0.67
C GLY B 178 31.42 20.51 0.42
N ILE B 179 30.17 20.40 0.89
CA ILE B 179 29.38 19.18 0.69
C ILE B 179 28.63 19.35 -0.64
N ALA B 180 29.08 18.63 -1.67
CA ALA B 180 28.47 18.71 -3.00
C ALA B 180 27.05 18.15 -3.00
N LYS B 181 26.22 18.72 -3.87
CA LYS B 181 24.81 18.35 -3.98
C LYS B 181 24.58 16.83 -4.12
N GLU B 182 25.46 16.15 -4.87
CA GLU B 182 25.33 14.70 -5.13
C GLU B 182 25.49 13.82 -3.89
N LYS B 183 25.98 14.38 -2.79
CA LYS B 183 26.02 13.68 -1.49
C LYS B 183 24.74 13.78 -0.68
N LEU B 184 23.81 14.66 -1.08
CA LEU B 184 22.67 14.98 -0.22
C LEU B 184 21.47 14.10 -0.46
N LEU B 185 20.71 13.87 0.60
CA LEU B 185 19.37 13.25 0.51
C LEU B 185 18.42 14.20 1.21
N LEU B 186 17.15 14.15 0.81
CA LEU B 186 16.14 15.06 1.31
C LEU B 186 15.01 14.27 1.93
N ASP B 187 14.63 14.66 3.15
CA ASP B 187 13.53 14.04 3.89
C ASP B 187 12.63 15.15 4.39
N PRO B 188 11.31 15.09 4.09
CA PRO B 188 10.34 16.10 4.62
C PRO B 188 10.04 16.08 6.12
N GLY B 189 10.49 15.04 6.83
CA GLY B 189 10.33 14.97 8.28
C GLY B 189 8.91 14.79 8.74
N PHE B 190 8.31 13.63 8.44
CA PHE B 190 6.96 13.35 8.89
C PHE B 190 6.93 13.29 10.42
N GLY B 191 5.89 13.90 11.02
CA GLY B 191 5.75 14.00 12.48
C GLY B 191 6.63 15.04 13.19
N PHE B 192 7.38 15.86 12.46
CA PHE B 192 8.37 16.76 13.07
C PHE B 192 7.93 18.22 12.97
N GLY B 193 7.18 18.64 13.99
CA GLY B 193 6.51 19.94 14.01
C GLY B 193 5.42 20.06 12.96
N LYS B 194 4.52 19.06 12.93
CA LYS B 194 3.46 18.96 11.90
C LYS B 194 2.22 18.23 12.42
N ASN B 195 1.07 18.86 12.24
CA ASN B 195 -0.23 18.23 12.51
C ASN B 195 -0.65 17.30 11.37
N LEU B 196 -1.75 16.59 11.63
CA LEU B 196 -2.32 15.62 10.70
C LEU B 196 -2.47 16.13 9.27
N SER B 197 -3.11 17.28 9.09
CA SER B 197 -3.28 17.91 7.76
C SER B 197 -1.96 18.14 7.05
N HIS B 198 -0.97 18.65 7.79
CA HIS B 198 0.35 18.97 7.22
C HIS B 198 1.06 17.74 6.70
N ASN B 199 1.08 16.70 7.52
CA ASN B 199 1.70 15.43 7.14
C ASN B 199 1.11 14.87 5.87
N TYR B 200 -0.21 14.64 5.85
CA TYR B 200 -0.84 14.14 4.63
C TYR B 200 -0.72 15.05 3.40
N SER B 201 -0.64 16.38 3.60
CA SER B 201 -0.38 17.28 2.47
C SER B 201 1.00 17.05 1.87
N LEU B 202 1.99 16.80 2.73
CA LEU B 202 3.36 16.51 2.29
C LEU B 202 3.47 15.15 1.58
N LEU B 203 2.77 14.16 2.13
CA LEU B 203 2.67 12.83 1.52
C LEU B 203 1.97 12.88 0.16
N ALA B 204 0.84 13.60 0.10
CA ALA B 204 0.12 13.79 -1.18
C ALA B 204 1.00 14.39 -2.25
N ARG B 205 1.90 15.29 -1.86
CA ARG B 205 2.70 16.06 -2.81
C ARG B 205 4.17 15.63 -2.90
N LEU B 206 4.53 14.54 -2.20
CA LEU B 206 5.94 14.08 -2.11
C LEU B 206 6.67 14.09 -3.46
N ALA B 207 5.98 13.64 -4.51
CA ALA B 207 6.60 13.52 -5.83
C ALA B 207 7.11 14.86 -6.40
N GLU B 208 6.55 15.98 -5.99
CA GLU B 208 7.03 17.29 -6.44
C GLU B 208 8.47 17.58 -5.98
N PHE B 209 8.89 17.01 -4.85
CA PHE B 209 10.27 17.17 -4.38
C PHE B 209 11.33 16.55 -5.28
N HIS B 210 10.96 15.77 -6.29
CA HIS B 210 11.95 15.24 -7.26
C HIS B 210 12.66 16.28 -8.13
N HIS B 211 12.18 17.54 -8.15
CA HIS B 211 12.76 18.59 -9.01
C HIS B 211 14.21 18.94 -8.64
N PHE B 212 14.53 18.80 -7.35
CA PHE B 212 15.91 18.91 -6.85
C PHE B 212 16.88 17.87 -7.46
N ASN B 213 16.35 16.77 -8.01
CA ASN B 213 17.12 15.67 -8.57
C ASN B 213 17.96 14.96 -7.50
N LEU B 214 17.39 14.83 -6.30
CA LEU B 214 18.07 14.16 -5.20
C LEU B 214 17.27 12.99 -4.63
N PRO B 215 17.95 12.04 -3.96
CA PRO B 215 17.19 10.99 -3.30
C PRO B 215 16.25 11.55 -2.23
N LEU B 216 15.15 10.85 -2.00
CA LEU B 216 14.13 11.20 -1.02
C LEU B 216 14.06 10.03 -0.05
N LEU B 217 14.19 10.36 1.23
CA LEU B 217 14.10 9.42 2.33
C LEU B 217 12.88 9.87 3.12
N VAL B 218 12.08 8.92 3.56
CA VAL B 218 10.91 9.22 4.33
C VAL B 218 10.80 8.31 5.53
N GLY B 219 10.32 8.84 6.63
CA GLY B 219 10.10 8.05 7.81
C GLY B 219 8.72 8.28 8.34
N MET B 220 7.85 7.30 8.23
CA MET B 220 6.51 7.44 8.75
C MET B 220 6.09 6.30 9.66
N SER B 221 6.95 5.29 9.74
CA SER B 221 6.62 4.07 10.49
C SER B 221 6.08 4.34 11.91
N ARG B 222 4.84 3.88 12.17
CA ARG B 222 4.17 3.90 13.48
C ARG B 222 3.92 5.29 14.08
N LYS B 223 4.01 6.32 13.24
CA LYS B 223 3.94 7.70 13.74
C LYS B 223 2.53 8.20 14.01
N SER B 224 2.49 9.34 14.68
CA SER B 224 1.24 9.95 15.06
C SER B 224 0.29 10.16 13.87
N MET B 225 0.83 10.49 12.70
CA MET B 225 0.00 10.69 11.51
C MET B 225 -0.84 9.45 11.11
N ILE B 226 -0.42 8.27 11.58
CA ILE B 226 -1.19 7.05 11.47
C ILE B 226 -2.08 6.88 12.70
N GLY B 227 -1.47 6.99 13.88
CA GLY B 227 -2.17 6.82 15.17
C GLY B 227 -3.39 7.69 15.37
N GLN B 228 -3.32 8.94 14.94
CA GLN B 228 -4.45 9.87 15.08
C GLN B 228 -5.60 9.59 14.13
N LEU B 229 -5.29 9.23 12.88
CA LEU B 229 -6.30 8.76 11.90
C LEU B 229 -7.03 7.49 12.32
N LEU B 230 -6.29 6.51 12.78
CA LEU B 230 -6.83 5.19 13.07
C LEU B 230 -7.31 5.09 14.51
N ASN B 231 -6.80 5.96 15.39
CA ASN B 231 -7.04 5.90 16.82
C ASN B 231 -6.73 4.52 17.44
N VAL B 232 -5.48 4.11 17.24
CA VAL B 232 -4.94 2.86 17.79
C VAL B 232 -3.55 3.14 18.34
N GLY B 233 -3.11 2.26 19.25
CA GLY B 233 -1.79 2.38 19.90
C GLY B 233 -0.61 2.14 18.97
N PRO B 234 0.62 2.41 19.46
CA PRO B 234 1.80 2.31 18.59
C PRO B 234 2.08 0.90 18.03
N SER B 235 1.67 -0.15 18.73
CA SER B 235 1.89 -1.52 18.26
C SER B 235 0.82 -2.04 17.31
N GLU B 236 -0.21 -1.25 17.03
CA GLU B 236 -1.33 -1.67 16.16
C GLU B 236 -1.37 -0.83 14.86
N ARG B 237 -0.24 -0.24 14.46
CA ARG B 237 -0.19 0.67 13.29
C ARG B 237 0.46 0.08 12.01
N LEU B 238 0.64 -1.24 11.96
CA LEU B 238 1.34 -1.87 10.81
C LEU B 238 0.65 -1.60 9.48
N SER B 239 -0.65 -1.82 9.42
CA SER B 239 -1.37 -1.67 8.17
C SER B 239 -1.27 -0.25 7.64
N GLY B 240 -1.44 0.72 8.53
CA GLY B 240 -1.27 2.15 8.20
C GLY B 240 0.16 2.51 7.80
N SER B 241 1.14 1.91 8.46
CA SER B 241 2.54 2.15 8.12
C SER B 241 2.87 1.61 6.73
N LEU B 242 2.35 0.44 6.40
CA LEU B 242 2.55 -0.15 5.07
C LEU B 242 1.90 0.74 4.01
N ALA B 243 0.74 1.32 4.35
CA ALA B 243 0.03 2.20 3.41
C ALA B 243 0.87 3.45 3.12
N CYS B 244 1.34 4.10 4.18
CA CYS B 244 2.27 5.23 4.04
C CYS B 244 3.51 4.93 3.18
N ALA B 245 4.15 3.79 3.45
CA ALA B 245 5.35 3.38 2.71
C ALA B 245 5.07 3.11 1.23
N VAL B 246 3.94 2.45 0.95
CA VAL B 246 3.57 2.16 -0.44
C VAL B 246 3.23 3.46 -1.17
N ILE B 247 2.51 4.36 -0.49
CA ILE B 247 2.17 5.69 -1.06
C ILE B 247 3.45 6.46 -1.38
N ALA B 248 4.35 6.54 -0.40
CA ALA B 248 5.66 7.14 -0.60
C ALA B 248 6.48 6.51 -1.74
N ALA B 249 6.53 5.17 -1.80
CA ALA B 249 7.32 4.45 -2.80
C ALA B 249 6.71 4.52 -4.19
N MET B 250 5.38 4.51 -4.28
CA MET B 250 4.70 4.72 -5.55
C MET B 250 4.99 6.08 -6.17
N GLN B 251 5.35 7.06 -5.33
CA GLN B 251 5.80 8.37 -5.77
C GLN B 251 7.31 8.52 -5.93
N GLY B 252 8.06 7.40 -5.88
CA GLY B 252 9.49 7.39 -6.16
C GLY B 252 10.41 7.73 -4.99
N ALA B 253 9.89 7.72 -3.76
CA ALA B 253 10.78 7.79 -2.57
C ALA B 253 11.79 6.65 -2.65
N HIS B 254 13.05 6.97 -2.35
CA HIS B 254 14.16 6.06 -2.56
C HIS B 254 14.47 5.17 -1.34
N ILE B 255 14.29 5.72 -0.14
CA ILE B 255 14.58 5.03 1.09
C ILE B 255 13.41 5.23 2.07
N ILE B 256 12.97 4.14 2.70
CA ILE B 256 11.83 4.14 3.57
C ILE B 256 12.31 3.60 4.91
N ARG B 257 12.26 4.44 5.94
CA ARG B 257 12.72 4.08 7.28
C ARG B 257 11.57 3.45 8.04
N VAL B 258 11.76 2.23 8.55
CA VAL B 258 10.68 1.46 9.20
C VAL B 258 11.15 0.57 10.36
N HIS B 259 10.18 0.19 11.20
CA HIS B 259 10.38 -0.79 12.29
C HIS B 259 10.12 -2.20 11.77
N ASP B 260 9.15 -2.35 10.89
CA ASP B 260 8.67 -3.66 10.45
C ASP B 260 9.25 -4.00 9.07
N VAL B 261 10.47 -4.50 9.07
CA VAL B 261 11.22 -4.59 7.82
C VAL B 261 10.57 -5.55 6.83
N LYS B 262 10.33 -6.78 7.29
CA LYS B 262 9.85 -7.88 6.43
C LYS B 262 8.59 -7.54 5.68
N GLU B 263 7.61 -7.01 6.41
CA GLU B 263 6.33 -6.65 5.81
C GLU B 263 6.51 -5.52 4.82
N THR B 264 7.36 -4.53 5.17
CA THR B 264 7.61 -3.37 4.29
C THR B 264 8.34 -3.82 3.01
N VAL B 265 9.34 -4.67 3.16
CA VAL B 265 10.05 -5.24 2.00
C VAL B 265 9.07 -5.96 1.04
N GLU B 266 8.21 -6.79 1.60
CA GLU B 266 7.20 -7.46 0.78
C GLU B 266 6.28 -6.47 0.00
N ALA B 267 5.80 -5.44 0.70
CA ALA B 267 5.02 -4.39 0.05
C ALA B 267 5.83 -3.67 -1.02
N MET B 268 7.13 -3.49 -0.80
CA MET B 268 7.99 -2.80 -1.75
C MET B 268 8.21 -3.63 -2.99
N ARG B 269 8.23 -4.95 -2.84
CA ARG B 269 8.26 -5.83 -4.00
C ARG B 269 7.03 -5.69 -4.91
N VAL B 270 5.85 -5.50 -4.33
CA VAL B 270 4.64 -5.29 -5.13
C VAL B 270 4.69 -3.93 -5.87
N VAL B 271 5.18 -2.92 -5.18
CA VAL B 271 5.41 -1.59 -5.75
C VAL B 271 6.39 -1.68 -6.91
N GLU B 272 7.51 -2.38 -6.73
CA GLU B 272 8.53 -2.56 -7.79
C GLU B 272 7.98 -3.28 -9.02
N ALA B 273 7.16 -4.32 -8.81
CA ALA B 273 6.52 -5.02 -9.94
C ALA B 273 5.56 -4.08 -10.70
N THR B 274 4.91 -3.18 -9.97
CA THR B 274 3.98 -2.22 -10.54
C THR B 274 4.70 -1.08 -11.25
N LEU B 275 5.72 -0.51 -10.62
CA LEU B 275 6.50 0.55 -11.25
C LEU B 275 7.23 0.07 -12.50
N SER B 276 7.67 -1.19 -12.51
CA SER B 276 8.34 -1.79 -13.68
C SER B 276 7.42 -2.04 -14.86
N ALA B 277 6.16 -2.38 -14.57
CA ALA B 277 5.14 -2.54 -15.61
C ALA B 277 4.68 -1.18 -16.18
N LYS B 278 4.83 -0.13 -15.38
CA LYS B 278 4.57 1.24 -15.82
C LYS B 278 5.63 1.81 -16.80
N GLU B 279 6.77 1.12 -16.98
CA GLU B 279 7.94 1.54 -17.80
C GLU B 279 8.91 2.41 -16.98
C1 8Y4 C . -6.53 -16.98 -2.69
C2 8Y4 C . -7.81 -16.60 -2.34
C3 8Y4 C . -6.17 -17.04 -4.02
C4 8Y4 C . -8.74 -16.29 -3.32
C5 8Y4 C . -7.09 -16.74 -5.01
C6 8Y4 C . -8.38 -16.35 -4.67
C7 8Y4 C . -12.87 -11.58 -8.02
C8 8Y4 C . -14.23 -11.69 -7.88
C9 8Y4 C . -13.20 -13.52 -7.20
C10 8Y4 C . -12.33 -10.37 -8.56
C11 8Y4 C . -14.71 -9.67 -8.67
C12 8Y4 C . -10.46 -15.33 -5.62
C13 8Y4 C . -15.73 -13.47 -7.05
C14 8Y4 C . -11.30 -15.54 -6.85
N15 8Y4 C . -12.22 -12.72 -7.61
N16 8Y4 C . -15.19 -10.78 -8.18
N17 8Y4 C . -14.43 -12.92 -7.35
N18 8Y4 C . -13.33 -9.46 -8.85
N19 8Y4 C . -15.52 -8.62 -9.04
N20 8Y4 C . -9.27 -16.05 -5.74
O21 8Y4 C . -11.15 -10.15 -8.75
O22 8Y4 C . -10.80 -14.61 -4.68
S23 8Y4 C . -13.04 -15.13 -6.57
N NO3 D . 0.81 -21.56 -3.06
O1 NO3 D . 1.15 -22.46 -3.82
O2 NO3 D . 1.73 -20.66 -2.61
O3 NO3 D . -0.49 -21.40 -2.64
N NO3 E . -1.16 -14.71 -12.03
O1 NO3 E . -0.61 -15.58 -12.71
O2 NO3 E . -0.36 -13.71 -11.47
O3 NO3 E . -2.55 -14.70 -11.83
C1 8Y4 F . 6.59 5.28 17.03
C2 8Y4 F . 7.92 4.96 16.80
C3 8Y4 F . 6.17 6.59 16.92
C4 8Y4 F . 8.81 5.95 16.46
C5 8Y4 F . 7.08 7.58 16.58
C6 8Y4 F . 8.41 7.28 16.35
C7 8Y4 F . 12.97 10.05 11.31
C8 8Y4 F . 14.31 9.90 11.49
C9 8Y4 F . 13.21 9.55 13.35
C10 8Y4 F . 12.46 10.41 10.02
C11 8Y4 F . 14.86 10.37 9.42
C12 8Y4 F . 10.40 8.24 15.20
C13 8Y4 F . 15.72 9.33 13.46
C14 8Y4 F . 11.20 9.50 15.28
N15 8Y4 F . 12.27 9.83 12.46
N16 8Y4 F . 15.29 10.04 10.60
N17 8Y4 F . 14.46 9.57 12.80
N18 8Y4 F . 13.51 10.54 9.13
N19 8Y4 F . 15.72 10.56 8.36
N20 8Y4 F . 9.28 8.34 16.02
O21 8Y4 F . 11.29 10.55 9.74
O22 8Y4 F . 10.72 7.28 14.51
S23 8Y4 F . 12.97 9.16 15.02
#